data_6OO0
#
_entry.id   6OO0
#
_cell.length_a   83.060
_cell.length_b   69.560
_cell.length_c   95.610
_cell.angle_alpha   90.00
_cell.angle_beta   106.99
_cell.angle_gamma   90.00
#
_symmetry.space_group_name_H-M   'C 1 2 1'
#
loop_
_entity.id
_entity.type
_entity.pdbx_description
1 polymer 'NC-Cow1 light chain'
2 polymer 'NC-Cow1 heavy chain'
3 non-polymer (4S)-2-METHYL-2,4-PENTANEDIOL
4 water water
#
loop_
_entity_poly.entity_id
_entity_poly.type
_entity_poly.pdbx_seq_one_letter_code
_entity_poly.pdbx_strand_id
1 'polypeptide(L)'
;SYELTQPSSVSGSLGQRVSVTCSGSSSNVGNGYVSWYQLIPGSAPRTIIYGDTSRASGVPERFSGSRSGNTATLTISSLQ
AEDEADFFCASPDDSSSNAVFGSGTTLTVLGQPKSPPSVTLFPPSSEELQANKATLVCLISDFYPGAVTVAWKADSSPVK
AGVETTTPSKQSNNKYAASSYLSLTPEQWKSHRSYSCQVTHEGSTVEKTVAPTECS
;
L
2 'polypeptide(L)'
;QVQLRESGPSLMKPSQTLSLTCTVSGSSLNDKSVGWVRQAPGKALQWLGSVDTSGNTDYNPGLKSRLSITKDNSKSRISL
TVTGMTTEDSATYYCITAHQKTNKKECPEDYTYNPRCPQQYGWSDCDCMGDRFGGYCRQDGCSNYIHRSTYEWYVSAWGQ
GLLVTVSSASTKGPSVFPLAPSSKSTSGGTAALGCLVKDYFPEPVTVSWNSGALTSGVHTFPAVLQSSGLYSLSSVVTVP
SSSLGTQTYICNVNHKPSNTKVDKRVEPKSCD
;
H
#
# COMPACT_ATOMS: atom_id res chain seq x y z
N TYR A 2 7.26 19.14 8.46
CA TYR A 2 6.03 19.39 9.20
C TYR A 2 5.01 18.31 8.89
N GLU A 3 4.22 17.93 9.89
CA GLU A 3 3.27 16.84 9.76
C GLU A 3 1.97 17.21 10.47
N LEU A 4 0.84 16.98 9.79
CA LEU A 4 -0.45 17.21 10.41
C LEU A 4 -0.76 16.09 11.39
N THR A 5 -1.47 16.43 12.47
CA THR A 5 -1.70 15.51 13.58
C THR A 5 -3.00 14.75 13.36
N GLN A 6 -2.90 13.42 13.37
CA GLN A 6 -4.06 12.54 13.27
C GLN A 6 -4.04 11.55 14.42
N PRO A 7 -5.21 11.02 14.81
CA PRO A 7 -5.21 9.90 15.74
C PRO A 7 -4.59 8.66 15.11
N SER A 8 -3.97 7.84 15.96
CA SER A 8 -3.25 6.67 15.45
C SER A 8 -4.20 5.69 14.77
N SER A 9 -5.38 5.47 15.35
CA SER A 9 -6.33 4.52 14.79
C SER A 9 -7.74 4.89 15.24
N VAL A 10 -8.71 4.35 14.50
CA VAL A 10 -10.12 4.44 14.87
C VAL A 10 -10.78 3.15 14.44
N SER A 11 -11.87 2.78 15.11
CA SER A 11 -12.56 1.54 14.79
C SER A 11 -14.05 1.73 14.97
N GLY A 12 -14.81 0.92 14.23
CA GLY A 12 -16.26 0.91 14.33
C GLY A 12 -16.77 -0.40 13.80
N SER A 13 -17.98 -0.75 14.23
CA SER A 13 -18.63 -1.96 13.77
C SER A 13 -19.36 -1.69 12.46
N LEU A 14 -19.77 -2.77 11.79
CA LEU A 14 -20.50 -2.63 10.53
C LEU A 14 -21.68 -1.68 10.70
N GLY A 15 -21.86 -0.80 9.72
CA GLY A 15 -22.96 0.14 9.73
C GLY A 15 -22.80 1.33 10.66
N GLN A 16 -21.75 1.37 11.45
CA GLN A 16 -21.56 2.47 12.39
C GLN A 16 -20.85 3.63 11.72
N ARG A 17 -20.68 4.72 12.47
CA ARG A 17 -20.03 5.93 11.98
C ARG A 17 -18.76 6.18 12.77
N VAL A 18 -17.74 6.67 12.07
CA VAL A 18 -16.46 7.03 12.68
C VAL A 18 -15.97 8.31 12.01
N SER A 19 -15.13 9.05 12.71
CA SER A 19 -14.54 10.27 12.17
C SER A 19 -13.07 10.34 12.53
N VAL A 20 -12.29 10.91 11.62
CA VAL A 20 -10.85 11.07 11.77
C VAL A 20 -10.53 12.55 11.71
N THR A 21 -9.81 13.05 12.71
CA THR A 21 -9.45 14.46 12.78
C THR A 21 -8.07 14.68 12.17
N CYS A 22 -7.84 15.94 11.77
CA CYS A 22 -6.60 16.34 11.10
C CYS A 22 -6.30 17.77 11.54
N SER A 23 -5.38 17.91 12.48
CA SER A 23 -5.10 19.20 13.10
C SER A 23 -3.80 19.79 12.54
N GLY A 24 -3.87 21.06 12.16
CA GLY A 24 -2.72 21.76 11.63
C GLY A 24 -2.61 23.18 12.15
N SER A 25 -2.35 24.13 11.25
CA SER A 25 -2.20 25.53 11.64
C SER A 25 -2.81 26.41 10.56
N SER A 26 -2.76 27.72 10.79
CA SER A 26 -3.38 28.66 9.87
C SER A 26 -2.77 28.59 8.49
N SER A 27 -1.47 28.27 8.40
CA SER A 27 -0.78 28.28 7.12
C SER A 27 -1.09 27.07 6.24
N ASN A 28 -1.75 26.03 6.78
CA ASN A 28 -2.11 24.88 5.98
C ASN A 28 -3.59 24.54 6.10
N VAL A 29 -4.00 23.90 7.20
CA VAL A 29 -5.41 23.54 7.36
C VAL A 29 -6.28 24.80 7.36
N GLY A 30 -5.81 25.86 8.01
CA GLY A 30 -6.57 27.09 8.04
C GLY A 30 -6.83 27.67 6.66
N ASN A 31 -5.95 27.37 5.70
CA ASN A 31 -6.17 27.83 4.33
C ASN A 31 -7.45 27.28 3.73
N GLY A 32 -7.97 26.17 4.27
CA GLY A 32 -9.26 25.68 3.87
C GLY A 32 -9.30 24.84 2.62
N TYR A 33 -8.23 24.10 2.34
CA TYR A 33 -8.17 23.22 1.17
C TYR A 33 -7.51 21.90 1.54
N VAL A 34 -8.16 21.15 2.42
CA VAL A 34 -7.65 19.88 2.91
C VAL A 34 -8.06 18.78 1.95
N SER A 35 -7.20 17.77 1.82
CA SER A 35 -7.46 16.60 1.00
C SER A 35 -7.26 15.36 1.86
N TRP A 36 -7.96 14.29 1.48
CA TRP A 36 -7.92 13.01 2.20
C TRP A 36 -7.61 11.89 1.21
N TYR A 37 -6.90 10.88 1.70
CA TYR A 37 -6.43 9.77 0.86
C TYR A 37 -6.59 8.46 1.60
N GLN A 38 -7.00 7.43 0.85
CA GLN A 38 -7.23 6.09 1.38
C GLN A 38 -6.15 5.17 0.82
N LEU A 39 -5.44 4.48 1.73
CA LEU A 39 -4.37 3.55 1.35
C LEU A 39 -4.72 2.17 1.86
N ILE A 40 -5.14 1.29 0.95
CA ILE A 40 -5.43 -0.10 1.28
C ILE A 40 -4.15 -0.91 1.06
N PRO A 41 -3.64 -1.62 2.07
CA PRO A 41 -2.40 -2.39 1.87
C PRO A 41 -2.48 -3.31 0.66
N GLY A 42 -1.57 -3.13 -0.29
CA GLY A 42 -1.57 -3.88 -1.53
C GLY A 42 -1.99 -3.09 -2.74
N SER A 43 -2.57 -1.90 -2.53
CA SER A 43 -3.02 -1.04 -3.62
C SER A 43 -2.30 0.30 -3.55
N ALA A 44 -2.40 1.05 -4.65
CA ALA A 44 -1.86 2.40 -4.67
C ALA A 44 -2.78 3.34 -3.88
N PRO A 45 -2.24 4.42 -3.33
CA PRO A 45 -3.10 5.36 -2.61
C PRO A 45 -4.20 5.90 -3.52
N ARG A 46 -5.31 6.29 -2.89
CA ARG A 46 -6.51 6.68 -3.61
C ARG A 46 -7.00 8.01 -3.06
N THR A 47 -7.14 9.00 -3.94
CA THR A 47 -7.64 10.31 -3.51
C THR A 47 -9.14 10.22 -3.24
N ILE A 48 -9.56 10.76 -2.09
CA ILE A 48 -10.93 10.63 -1.61
C ILE A 48 -11.62 11.99 -1.53
N ILE A 49 -10.99 12.96 -0.87
CA ILE A 49 -11.54 14.29 -0.71
C ILE A 49 -10.50 15.31 -1.14
N TYR A 50 -10.99 16.42 -1.69
CA TYR A 50 -10.14 17.59 -1.95
C TYR A 50 -10.97 18.84 -1.68
N GLY A 51 -10.26 19.94 -1.40
CA GLY A 51 -10.92 21.19 -1.10
C GLY A 51 -11.88 21.07 0.08
N ASP A 52 -11.41 20.45 1.16
CA ASP A 52 -12.16 20.30 2.40
C ASP A 52 -13.35 19.35 2.25
N THR A 53 -14.22 19.60 1.27
CA THR A 53 -15.51 18.92 1.20
C THR A 53 -15.78 18.21 -0.12
N SER A 54 -15.01 18.46 -1.18
CA SER A 54 -15.32 17.91 -2.49
C SER A 54 -14.86 16.47 -2.60
N ARG A 55 -15.76 15.59 -3.01
CA ARG A 55 -15.46 14.17 -3.18
C ARG A 55 -14.84 13.91 -4.54
N ALA A 56 -13.82 13.05 -4.56
CA ALA A 56 -13.26 12.61 -5.81
C ALA A 56 -14.26 11.72 -6.55
N SER A 57 -14.03 11.53 -7.84
CA SER A 57 -14.92 10.72 -8.65
C SER A 57 -14.98 9.29 -8.12
N GLY A 58 -16.20 8.79 -7.93
CA GLY A 58 -16.41 7.44 -7.47
C GLY A 58 -16.52 7.28 -5.97
N VAL A 59 -16.29 8.33 -5.20
CA VAL A 59 -16.38 8.25 -3.74
C VAL A 59 -17.84 8.44 -3.33
N PRO A 60 -18.43 7.52 -2.58
CA PRO A 60 -19.85 7.67 -2.22
C PRO A 60 -20.05 8.77 -1.19
N GLU A 61 -21.33 9.09 -0.94
CA GLU A 61 -21.67 10.19 -0.06
C GLU A 61 -21.30 9.91 1.39
N ARG A 62 -21.31 8.64 1.80
CA ARG A 62 -21.01 8.32 3.19
C ARG A 62 -19.58 8.68 3.58
N PHE A 63 -18.74 9.06 2.62
CA PHE A 63 -17.43 9.64 2.90
C PHE A 63 -17.57 11.15 2.84
N SER A 64 -17.57 11.80 4.00
CA SER A 64 -17.82 13.23 4.11
C SER A 64 -16.61 13.93 4.71
N GLY A 65 -16.32 15.12 4.21
CA GLY A 65 -15.22 15.93 4.70
C GLY A 65 -15.74 17.26 5.23
N SER A 66 -15.15 17.73 6.32
CA SER A 66 -15.54 18.99 6.94
C SER A 66 -14.31 19.64 7.53
N ARG A 67 -14.50 20.85 8.07
CA ARG A 67 -13.39 21.58 8.68
C ARG A 67 -13.96 22.66 9.60
N SER A 68 -13.32 22.81 10.76
CA SER A 68 -13.59 23.92 11.67
C SER A 68 -12.26 24.52 12.08
N GLY A 69 -11.94 25.68 11.51
CA GLY A 69 -10.67 26.33 11.82
C GLY A 69 -9.50 25.49 11.34
N ASN A 70 -8.57 25.21 12.25
CA ASN A 70 -7.34 24.51 11.91
C ASN A 70 -7.46 23.00 12.09
N THR A 71 -8.68 22.46 12.16
CA THR A 71 -8.90 21.03 12.30
C THR A 71 -9.90 20.58 11.24
N ALA A 72 -9.47 19.69 10.36
CA ALA A 72 -10.35 19.05 9.40
C ALA A 72 -10.79 17.69 9.92
N THR A 73 -11.91 17.20 9.39
CA THR A 73 -12.49 15.95 9.84
C THR A 73 -12.99 15.16 8.64
N LEU A 74 -12.67 13.87 8.62
CA LEU A 74 -13.22 12.93 7.66
C LEU A 74 -14.19 12.03 8.41
N THR A 75 -15.46 12.07 8.01
CA THR A 75 -16.50 11.25 8.61
C THR A 75 -16.85 10.11 7.66
N ILE A 76 -16.81 8.89 8.16
CA ILE A 76 -17.15 7.70 7.40
C ILE A 76 -18.32 7.03 8.09
N SER A 77 -19.48 7.03 7.45
CA SER A 77 -20.69 6.44 8.00
C SER A 77 -21.03 5.17 7.23
N SER A 78 -21.89 4.35 7.83
CA SER A 78 -22.29 3.07 7.25
C SER A 78 -21.07 2.23 6.90
N LEU A 79 -20.22 2.01 7.90
CA LEU A 79 -18.95 1.34 7.69
C LEU A 79 -19.14 -0.03 7.04
N GLN A 80 -18.30 -0.32 6.05
CA GLN A 80 -18.27 -1.60 5.38
C GLN A 80 -16.85 -2.16 5.47
N ALA A 81 -16.75 -3.49 5.34
CA ALA A 81 -15.46 -4.16 5.49
C ALA A 81 -14.43 -3.62 4.51
N GLU A 82 -14.86 -3.28 3.29
CA GLU A 82 -13.94 -2.81 2.26
C GLU A 82 -13.42 -1.40 2.52
N ASP A 83 -13.84 -0.76 3.62
CA ASP A 83 -13.31 0.56 3.96
C ASP A 83 -12.00 0.48 4.73
N GLU A 84 -11.70 -0.66 5.34
CA GLU A 84 -10.48 -0.80 6.13
C GLU A 84 -9.26 -0.36 5.34
N ALA A 85 -8.53 0.60 5.89
CA ALA A 85 -7.37 1.17 5.22
C ALA A 85 -6.75 2.21 6.15
N ASP A 86 -5.57 2.67 5.77
CA ASP A 86 -4.95 3.83 6.42
C ASP A 86 -5.41 5.09 5.69
N PHE A 87 -5.90 6.07 6.44
CA PHE A 87 -6.38 7.32 5.88
C PHE A 87 -5.44 8.45 6.26
N PHE A 88 -5.02 9.22 5.26
CA PHE A 88 -4.14 10.37 5.46
C PHE A 88 -4.83 11.63 4.98
N CYS A 89 -4.65 12.71 5.73
CA CYS A 89 -5.00 14.03 5.26
C CYS A 89 -3.76 14.72 4.70
N ALA A 90 -3.98 15.85 4.05
CA ALA A 90 -2.88 16.62 3.48
C ALA A 90 -3.39 18.01 3.15
N SER A 91 -2.45 18.92 2.91
CA SER A 91 -2.83 20.30 2.62
C SER A 91 -1.62 21.06 2.07
N PRO A 92 -1.85 22.12 1.28
CA PRO A 92 -0.76 23.06 1.02
C PRO A 92 -0.32 23.73 2.31
N ASP A 93 0.94 24.14 2.35
CA ASP A 93 1.52 24.77 3.54
C ASP A 93 2.16 26.09 3.12
N ASP A 94 1.43 27.18 3.28
CA ASP A 94 1.91 28.52 2.95
C ASP A 94 2.26 28.66 1.47
N SER A 95 1.69 27.79 0.63
CA SER A 95 2.02 27.75 -0.79
C SER A 95 1.20 26.68 -1.48
N SER A 96 0.87 26.88 -2.76
CA SER A 96 0.09 25.91 -3.49
C SER A 96 0.94 24.78 -4.08
N SER A 97 2.24 24.78 -3.85
CA SER A 97 3.13 23.71 -4.30
C SER A 97 3.82 22.98 -3.17
N ASN A 98 3.95 23.58 -1.99
CA ASN A 98 4.54 22.91 -0.83
C ASN A 98 3.45 22.19 -0.07
N ALA A 99 3.50 20.86 -0.09
CA ALA A 99 2.44 20.03 0.48
C ALA A 99 2.92 19.33 1.74
N VAL A 100 1.98 19.15 2.67
CA VAL A 100 2.24 18.45 3.93
C VAL A 100 1.19 17.38 4.11
N PHE A 101 1.58 16.26 4.71
CA PHE A 101 0.70 15.14 4.97
C PHE A 101 0.46 14.99 6.47
N GLY A 102 -0.60 14.26 6.81
CA GLY A 102 -0.84 13.89 8.18
C GLY A 102 -0.11 12.61 8.56
N SER A 103 -0.14 12.31 9.86
CA SER A 103 0.56 11.13 10.37
C SER A 103 -0.15 9.83 10.02
N GLY A 104 -1.40 9.89 9.55
CA GLY A 104 -2.11 8.69 9.14
C GLY A 104 -2.93 8.09 10.26
N THR A 105 -4.07 7.51 9.88
CA THR A 105 -4.96 6.84 10.83
C THR A 105 -5.40 5.51 10.25
N THR A 106 -5.24 4.45 11.03
CA THR A 106 -5.68 3.12 10.62
C THR A 106 -7.15 2.94 10.98
N LEU A 107 -7.93 2.42 10.03
CA LEU A 107 -9.34 2.13 10.25
C LEU A 107 -9.53 0.62 10.33
N THR A 108 -10.17 0.17 11.39
CA THR A 108 -10.57 -1.23 11.54
C THR A 108 -12.09 -1.28 11.60
N VAL A 109 -12.67 -2.20 10.84
CA VAL A 109 -14.12 -2.39 10.79
C VAL A 109 -14.44 -3.70 11.50
N LEU A 110 -15.14 -3.60 12.62
CA LEU A 110 -15.45 -4.76 13.44
C LEU A 110 -16.80 -5.36 13.05
N GLY A 111 -17.05 -6.58 13.54
CA GLY A 111 -18.33 -7.21 13.34
C GLY A 111 -18.49 -7.93 12.02
N GLN A 112 -17.40 -8.28 11.35
CA GLN A 112 -17.49 -9.00 10.10
C GLN A 112 -17.76 -10.48 10.38
N PRO A 113 -18.22 -11.23 9.38
CA PRO A 113 -18.58 -12.64 9.61
C PRO A 113 -17.38 -13.44 10.08
N LYS A 114 -17.57 -14.21 11.15
CA LYS A 114 -16.52 -15.08 11.64
C LYS A 114 -16.32 -16.25 10.68
N SER A 115 -15.10 -16.78 10.67
CA SER A 115 -14.74 -17.86 9.77
C SER A 115 -13.52 -18.59 10.32
N PRO A 116 -13.55 -19.92 10.42
CA PRO A 116 -12.39 -20.65 10.95
C PRO A 116 -11.30 -20.77 9.90
N PRO A 117 -10.08 -21.08 10.32
CA PRO A 117 -8.96 -21.13 9.35
C PRO A 117 -8.93 -22.42 8.57
N SER A 118 -8.57 -22.30 7.30
CA SER A 118 -8.25 -23.44 6.45
C SER A 118 -6.73 -23.60 6.45
N VAL A 119 -6.25 -24.78 6.83
CA VAL A 119 -4.83 -25.03 7.05
C VAL A 119 -4.36 -26.07 6.05
N THR A 120 -3.25 -25.79 5.38
CA THR A 120 -2.59 -26.73 4.49
C THR A 120 -1.13 -26.80 4.90
N LEU A 121 -0.65 -28.01 5.20
CA LEU A 121 0.74 -28.22 5.60
C LEU A 121 1.46 -28.94 4.47
N PHE A 122 2.54 -28.34 3.98
CA PHE A 122 3.35 -28.93 2.94
C PHE A 122 4.68 -29.41 3.52
N PRO A 123 5.09 -30.65 3.26
CA PRO A 123 6.41 -31.09 3.70
C PRO A 123 7.48 -30.54 2.77
N PRO A 124 8.75 -30.76 3.07
CA PRO A 124 9.80 -30.32 2.14
C PRO A 124 9.67 -31.04 0.80
N SER A 125 9.88 -30.30 -0.27
CA SER A 125 9.85 -30.87 -1.61
C SER A 125 11.14 -31.63 -1.88
N SER A 126 11.07 -32.57 -2.83
CA SER A 126 12.26 -33.31 -3.23
C SER A 126 13.36 -32.36 -3.69
N GLU A 127 13.00 -31.31 -4.43
CA GLU A 127 14.00 -30.37 -4.92
C GLU A 127 14.74 -29.69 -3.77
N GLU A 128 14.01 -29.23 -2.76
CA GLU A 128 14.65 -28.55 -1.64
C GLU A 128 15.58 -29.49 -0.88
N LEU A 129 15.16 -30.74 -0.71
CA LEU A 129 16.02 -31.73 -0.05
C LEU A 129 17.29 -31.96 -0.85
N GLN A 130 17.15 -32.14 -2.16
CA GLN A 130 18.33 -32.32 -3.01
C GLN A 130 19.30 -31.14 -2.89
N ALA A 131 18.80 -29.96 -2.54
CA ALA A 131 19.63 -28.81 -2.26
C ALA A 131 20.08 -28.74 -0.80
N ASN A 132 19.83 -29.80 -0.04
CA ASN A 132 20.34 -29.93 1.33
C ASN A 132 19.66 -28.93 2.28
N LYS A 133 18.37 -28.69 2.07
CA LYS A 133 17.59 -27.85 2.97
C LYS A 133 16.18 -28.43 3.06
N ALA A 134 15.49 -28.07 4.14
CA ALA A 134 14.15 -28.58 4.40
C ALA A 134 13.31 -27.48 5.04
N THR A 135 12.15 -27.21 4.45
CA THR A 135 11.22 -26.21 4.97
C THR A 135 9.82 -26.79 4.92
N LEU A 136 9.19 -26.91 6.08
CA LEU A 136 7.75 -27.19 6.15
C LEU A 136 6.99 -25.88 6.06
N VAL A 137 5.95 -25.87 5.23
CA VAL A 137 5.18 -24.66 4.94
C VAL A 137 3.75 -24.90 5.40
N CYS A 138 3.31 -24.11 6.38
CA CYS A 138 1.96 -24.17 6.92
C CYS A 138 1.22 -22.91 6.48
N LEU A 139 0.29 -23.06 5.55
CA LEU A 139 -0.47 -21.94 5.00
C LEU A 139 -1.85 -21.89 5.65
N ILE A 140 -2.25 -20.70 6.08
CA ILE A 140 -3.46 -20.49 6.87
C ILE A 140 -4.29 -19.43 6.16
N SER A 141 -5.55 -19.73 5.87
CA SER A 141 -6.35 -18.85 5.02
C SER A 141 -7.79 -18.84 5.48
N ASP A 142 -8.50 -17.78 5.05
CA ASP A 142 -9.96 -17.71 5.12
C ASP A 142 -10.48 -17.68 6.56
N PHE A 143 -9.80 -16.95 7.44
CA PHE A 143 -10.25 -16.83 8.82
C PHE A 143 -10.53 -15.38 9.18
N TYR A 144 -11.48 -15.20 10.10
CA TYR A 144 -11.80 -13.92 10.69
C TYR A 144 -12.31 -14.20 12.09
N PRO A 145 -11.89 -13.42 13.11
CA PRO A 145 -10.98 -12.27 13.09
C PRO A 145 -9.56 -12.66 12.66
N GLY A 146 -8.77 -11.65 12.29
CA GLY A 146 -7.42 -11.89 11.80
C GLY A 146 -6.40 -12.07 12.91
N ALA A 147 -6.66 -13.02 13.81
CA ALA A 147 -5.74 -13.33 14.89
C ALA A 147 -5.65 -14.85 15.04
N VAL A 148 -4.44 -15.38 14.97
CA VAL A 148 -4.19 -16.81 15.16
C VAL A 148 -2.87 -16.98 15.88
N THR A 149 -2.69 -18.15 16.47
CA THR A 149 -1.41 -18.55 17.06
C THR A 149 -1.03 -19.89 16.48
N VAL A 150 0.22 -19.99 16.03
CA VAL A 150 0.74 -21.20 15.40
C VAL A 150 1.74 -21.84 16.34
N ALA A 151 1.65 -23.15 16.49
CA ALA A 151 2.62 -23.94 17.24
C ALA A 151 2.95 -25.19 16.44
N TRP A 152 4.22 -25.61 16.51
CA TRP A 152 4.71 -26.75 15.76
C TRP A 152 5.03 -27.90 16.71
N LYS A 153 4.93 -29.12 16.20
CA LYS A 153 5.28 -30.33 16.94
C LYS A 153 6.26 -31.14 16.12
N ALA A 154 7.24 -31.75 16.80
CA ALA A 154 8.09 -32.78 16.24
C ALA A 154 7.74 -34.06 16.98
N ASP A 155 7.17 -35.02 16.26
CA ASP A 155 6.49 -36.17 16.88
C ASP A 155 5.36 -35.59 17.71
N SER A 156 5.37 -35.75 19.03
CA SER A 156 4.32 -35.22 19.89
C SER A 156 4.81 -34.12 20.82
N SER A 157 6.01 -33.58 20.58
CA SER A 157 6.57 -32.60 21.49
C SER A 157 6.72 -31.24 20.81
N PRO A 158 6.51 -30.13 21.53
CA PRO A 158 6.60 -28.81 20.89
C PRO A 158 7.97 -28.55 20.27
N VAL A 159 7.97 -27.71 19.23
CA VAL A 159 9.17 -27.21 18.57
C VAL A 159 9.17 -25.70 18.71
N LYS A 160 10.25 -25.15 19.28
CA LYS A 160 10.39 -23.71 19.43
C LYS A 160 11.35 -23.09 18.42
N ALA A 161 12.48 -23.74 18.16
CA ALA A 161 13.47 -23.20 17.25
C ALA A 161 13.11 -23.48 15.81
N GLY A 162 13.49 -22.54 14.93
CA GLY A 162 13.31 -22.71 13.51
C GLY A 162 11.98 -22.24 12.96
N VAL A 163 11.15 -21.58 13.76
CA VAL A 163 9.80 -21.18 13.36
C VAL A 163 9.80 -19.71 12.96
N GLU A 164 9.23 -19.42 11.79
CA GLU A 164 8.96 -18.06 11.35
C GLU A 164 7.51 -17.98 10.92
N THR A 165 6.77 -17.03 11.47
CA THR A 165 5.35 -16.85 11.18
C THR A 165 5.08 -15.41 10.75
N THR A 166 4.22 -15.25 9.75
CA THR A 166 3.84 -13.94 9.26
C THR A 166 2.61 -13.42 10.01
N THR A 167 2.54 -12.11 10.14
CA THR A 167 1.35 -11.53 10.74
C THR A 167 0.21 -11.56 9.74
N PRO A 168 -1.03 -11.85 10.17
CA PRO A 168 -2.12 -12.00 9.22
C PRO A 168 -2.33 -10.75 8.37
N SER A 169 -2.80 -10.97 7.14
CA SER A 169 -3.16 -9.89 6.23
C SER A 169 -4.37 -10.33 5.43
N LYS A 170 -5.08 -9.35 4.86
CA LYS A 170 -6.36 -9.60 4.22
C LYS A 170 -6.19 -10.20 2.83
N GLN A 171 -7.03 -11.18 2.52
CA GLN A 171 -7.12 -11.72 1.18
C GLN A 171 -8.04 -10.83 0.33
N SER A 172 -8.25 -11.23 -0.92
CA SER A 172 -9.14 -10.49 -1.80
C SER A 172 -10.60 -10.60 -1.40
N ASN A 173 -10.94 -11.46 -0.43
CA ASN A 173 -12.33 -11.66 0.00
C ASN A 173 -12.57 -11.14 1.41
N ASN A 174 -11.75 -10.21 1.88
CA ASN A 174 -11.89 -9.53 3.17
C ASN A 174 -11.62 -10.46 4.36
N LYS A 175 -11.26 -11.72 4.13
CA LYS A 175 -10.82 -12.59 5.21
C LYS A 175 -9.29 -12.59 5.28
N TYR A 176 -8.76 -13.16 6.36
CA TYR A 176 -7.35 -13.05 6.68
C TYR A 176 -6.62 -14.34 6.35
N ALA A 177 -5.32 -14.19 6.07
CA ALA A 177 -4.44 -15.32 5.77
C ALA A 177 -3.09 -15.09 6.44
N ALA A 178 -2.42 -16.17 6.76
CA ALA A 178 -1.10 -16.13 7.37
C ALA A 178 -0.33 -17.38 7.00
N SER A 179 0.98 -17.36 7.24
CA SER A 179 1.84 -18.47 6.90
C SER A 179 2.90 -18.65 7.99
N SER A 180 3.29 -19.90 8.19
CA SER A 180 4.34 -20.24 9.15
C SER A 180 5.28 -21.24 8.53
N TYR A 181 6.58 -21.10 8.83
CA TYR A 181 7.62 -21.94 8.27
C TYR A 181 8.42 -22.60 9.38
N LEU A 182 8.75 -23.87 9.22
CA LEU A 182 9.65 -24.59 10.11
C LEU A 182 10.86 -25.03 9.29
N SER A 183 12.04 -24.52 9.66
CA SER A 183 13.27 -24.85 8.96
C SER A 183 13.96 -26.02 9.65
N LEU A 184 14.36 -27.02 8.85
CA LEU A 184 15.05 -28.20 9.35
C LEU A 184 16.20 -28.53 8.42
N THR A 185 17.15 -29.32 8.93
CA THR A 185 18.06 -30.00 8.04
C THR A 185 17.36 -31.24 7.47
N PRO A 186 17.70 -31.66 6.26
CA PRO A 186 17.11 -32.90 5.74
C PRO A 186 17.32 -34.09 6.66
N GLU A 187 18.42 -34.11 7.40
CA GLU A 187 18.67 -35.23 8.31
C GLU A 187 17.60 -35.32 9.39
N GLN A 188 17.33 -34.21 10.06
CA GLN A 188 16.37 -34.25 11.16
C GLN A 188 14.92 -34.28 10.67
N TRP A 189 14.66 -33.84 9.43
CA TRP A 189 13.37 -34.10 8.81
C TRP A 189 13.11 -35.60 8.73
N LYS A 190 14.12 -36.36 8.31
CA LYS A 190 13.99 -37.80 8.13
C LYS A 190 14.21 -38.60 9.42
N SER A 191 14.75 -37.99 10.47
CA SER A 191 15.05 -38.70 11.71
C SER A 191 13.88 -38.74 12.69
N HIS A 192 12.73 -38.22 12.31
CA HIS A 192 11.55 -38.24 13.17
C HIS A 192 10.35 -38.73 12.38
N ARG A 193 9.37 -39.29 13.10
CA ARG A 193 8.27 -39.96 12.46
C ARG A 193 7.17 -39.02 11.99
N SER A 194 7.07 -37.82 12.55
CA SER A 194 6.06 -36.87 12.06
C SER A 194 6.39 -35.46 12.52
N TYR A 195 5.78 -34.50 11.83
CA TYR A 195 5.81 -33.09 12.19
C TYR A 195 4.41 -32.53 11.98
N SER A 196 4.00 -31.61 12.84
CA SER A 196 2.64 -31.09 12.82
C SER A 196 2.64 -29.57 12.94
N CYS A 197 1.62 -28.96 12.36
CA CYS A 197 1.35 -27.52 12.47
C CYS A 197 0.00 -27.35 13.16
N GLN A 198 0.00 -26.66 14.29
CA GLN A 198 -1.21 -26.40 15.07
C GLN A 198 -1.59 -24.93 14.92
N VAL A 199 -2.79 -24.67 14.42
CA VAL A 199 -3.32 -23.32 14.28
C VAL A 199 -4.49 -23.16 15.23
N THR A 200 -4.40 -22.19 16.13
CA THR A 200 -5.45 -21.89 17.10
C THR A 200 -6.15 -20.60 16.68
N HIS A 201 -7.48 -20.64 16.68
CA HIS A 201 -8.28 -19.49 16.26
C HIS A 201 -9.54 -19.46 17.09
N GLU A 202 -9.72 -18.40 17.88
CA GLU A 202 -10.89 -18.24 18.73
C GLU A 202 -11.14 -19.48 19.57
N GLY A 203 -10.08 -19.93 20.26
CA GLY A 203 -10.17 -21.02 21.20
C GLY A 203 -10.17 -22.42 20.59
N SER A 204 -10.37 -22.55 19.29
CA SER A 204 -10.40 -23.84 18.63
C SER A 204 -9.14 -24.04 17.79
N THR A 205 -8.67 -25.28 17.72
CA THR A 205 -7.38 -25.60 17.13
C THR A 205 -7.55 -26.58 15.97
N VAL A 206 -6.78 -26.36 14.90
CA VAL A 206 -6.71 -27.26 13.76
C VAL A 206 -5.26 -27.70 13.63
N GLU A 207 -5.06 -29.01 13.57
CA GLU A 207 -3.71 -29.58 13.49
C GLU A 207 -3.58 -30.42 12.22
N LYS A 208 -2.53 -30.16 11.45
CA LYS A 208 -2.18 -30.96 10.29
C LYS A 208 -0.82 -31.61 10.54
N THR A 209 -0.63 -32.80 9.98
CA THR A 209 0.57 -33.58 10.22
C THR A 209 1.08 -34.16 8.90
N VAL A 210 2.41 -34.23 8.79
CA VAL A 210 3.07 -34.87 7.65
C VAL A 210 4.11 -35.82 8.20
N ALA A 211 4.49 -36.79 7.37
CA ALA A 211 5.50 -37.76 7.75
C ALA A 211 6.53 -37.91 6.65
N PRO A 212 7.82 -38.03 6.98
CA PRO A 212 8.83 -38.27 5.93
C PRO A 212 8.57 -39.51 5.13
N THR A 213 7.94 -40.52 5.72
CA THR A 213 7.63 -41.77 5.02
C THR A 213 6.46 -41.63 4.05
N GLU A 214 5.75 -40.50 4.07
CA GLU A 214 4.58 -40.29 3.22
C GLU A 214 5.01 -39.63 1.93
N CYS A 215 5.34 -40.43 0.93
CA CYS A 215 5.49 -39.94 -0.43
C CYS A 215 4.14 -40.03 -1.13
N SER A 216 3.89 -39.07 -2.02
CA SER A 216 2.57 -38.93 -2.64
C SER A 216 1.52 -38.58 -1.58
N GLN B 1 -7.46 10.77 -18.41
CA GLN B 1 -6.97 9.52 -17.75
C GLN B 1 -5.45 9.45 -17.80
N VAL B 2 -4.81 9.92 -16.74
CA VAL B 2 -3.36 9.98 -16.65
C VAL B 2 -2.85 8.70 -15.99
N GLN B 3 -1.85 8.08 -16.60
CA GLN B 3 -1.18 6.92 -16.03
C GLN B 3 0.27 7.27 -15.75
N LEU B 4 0.75 6.84 -14.58
CA LEU B 4 2.09 7.16 -14.10
C LEU B 4 2.85 5.88 -13.83
N ARG B 5 4.08 5.79 -14.34
CA ARG B 5 4.90 4.59 -14.20
C ARG B 5 6.27 4.98 -13.68
N GLU B 6 6.62 4.47 -12.50
CA GLU B 6 7.93 4.69 -11.91
C GLU B 6 8.91 3.63 -12.41
N SER B 7 10.16 4.04 -12.62
CA SER B 7 11.22 3.11 -12.96
C SER B 7 12.50 3.57 -12.30
N GLY B 8 13.35 2.61 -11.96
CA GLY B 8 14.60 2.89 -11.30
C GLY B 8 15.11 1.70 -10.52
N PRO B 9 16.21 1.88 -9.78
CA PRO B 9 16.76 0.77 -9.02
C PRO B 9 15.84 0.34 -7.89
N SER B 10 15.93 -0.95 -7.56
CA SER B 10 15.24 -1.49 -6.40
C SER B 10 16.12 -1.56 -5.17
N LEU B 11 17.44 -1.40 -5.33
CA LEU B 11 18.38 -1.58 -4.24
C LEU B 11 19.46 -0.52 -4.33
N MET B 12 19.70 0.17 -3.22
CA MET B 12 20.76 1.17 -3.11
C MET B 12 21.72 0.75 -2.00
N LYS B 13 22.97 1.09 -2.18
CA LYS B 13 23.93 0.96 -1.08
C LYS B 13 23.91 2.24 -0.24
N PRO B 14 24.31 2.15 1.03
CA PRO B 14 24.32 3.35 1.87
C PRO B 14 25.17 4.46 1.25
N SER B 15 24.59 5.65 1.17
CA SER B 15 25.20 6.88 0.66
C SER B 15 25.18 6.95 -0.87
N GLN B 16 24.63 5.95 -1.55
CA GLN B 16 24.45 6.05 -3.00
C GLN B 16 23.40 7.10 -3.33
N THR B 17 23.36 7.49 -4.60
CA THR B 17 22.38 8.43 -5.10
C THR B 17 21.28 7.68 -5.85
N LEU B 18 20.04 7.99 -5.51
CA LEU B 18 18.88 7.34 -6.14
C LEU B 18 18.39 8.19 -7.30
N SER B 19 18.36 7.60 -8.49
CA SER B 19 17.81 8.25 -9.68
C SER B 19 16.55 7.50 -10.11
N LEU B 20 15.41 8.16 -10.06
CA LEU B 20 14.14 7.59 -10.49
C LEU B 20 13.61 8.35 -11.69
N THR B 21 12.76 7.67 -12.45
CA THR B 21 12.08 8.24 -13.60
C THR B 21 10.59 7.94 -13.50
N CYS B 22 9.78 8.90 -13.91
CA CYS B 22 8.33 8.71 -14.01
C CYS B 22 7.91 9.04 -15.43
N THR B 23 7.31 8.06 -16.10
CA THR B 23 6.82 8.23 -17.47
C THR B 23 5.32 8.52 -17.42
N VAL B 24 4.94 9.70 -17.90
CA VAL B 24 3.56 10.15 -17.86
C VAL B 24 2.90 9.85 -19.20
N SER B 25 1.75 9.19 -19.16
CA SER B 25 0.96 8.91 -20.35
C SER B 25 -0.45 9.46 -20.13
N GLY B 26 -1.00 10.09 -21.16
CA GLY B 26 -2.26 10.79 -21.03
C GLY B 26 -2.05 12.19 -20.48
N SER B 27 -3.15 12.93 -20.39
CA SER B 27 -3.10 14.31 -19.90
C SER B 27 -4.44 14.72 -19.28
N LYS B 32 -1.37 22.08 -13.70
CA LYS B 32 -1.01 20.89 -12.95
C LYS B 32 0.50 20.80 -12.71
N SER B 33 0.91 19.74 -12.00
CA SER B 33 2.32 19.46 -11.77
C SER B 33 2.48 17.97 -11.59
N VAL B 34 3.70 17.50 -11.83
CA VAL B 34 4.07 16.10 -11.65
C VAL B 34 5.16 16.06 -10.58
N GLY B 35 5.00 15.16 -9.60
CA GLY B 35 5.91 15.15 -8.47
C GLY B 35 6.09 13.78 -7.85
N TRP B 36 6.62 13.74 -6.63
CA TRP B 36 7.00 12.51 -5.97
C TRP B 36 6.58 12.54 -4.51
N VAL B 37 6.01 11.43 -4.04
CA VAL B 37 5.71 11.20 -2.63
C VAL B 37 6.23 9.81 -2.27
N ARG B 38 6.74 9.67 -1.05
CA ARG B 38 7.28 8.40 -0.59
C ARG B 38 6.64 8.01 0.73
N GLN B 39 6.74 6.71 1.05
CA GLN B 39 6.26 6.19 2.32
C GLN B 39 7.16 5.04 2.75
N ALA B 40 7.91 5.25 3.83
CA ALA B 40 8.64 4.15 4.42
C ALA B 40 7.67 3.20 5.11
N PRO B 41 8.00 1.90 5.18
CA PRO B 41 7.07 0.94 5.79
C PRO B 41 6.73 1.34 7.22
N GLY B 42 5.42 1.31 7.53
CA GLY B 42 4.95 1.65 8.86
C GLY B 42 5.02 3.13 9.20
N LYS B 43 5.25 4.00 8.22
CA LYS B 43 5.41 5.42 8.46
C LYS B 43 4.46 6.20 7.57
N ALA B 44 4.42 7.51 7.78
CA ALA B 44 3.44 8.37 7.13
C ALA B 44 3.92 8.80 5.75
N LEU B 45 2.97 9.17 4.91
CA LEU B 45 3.30 9.75 3.61
C LEU B 45 4.16 10.99 3.80
N GLN B 46 5.09 11.20 2.87
CA GLN B 46 5.99 12.35 2.93
C GLN B 46 6.13 12.91 1.52
N TRP B 47 5.61 14.11 1.31
CA TRP B 47 5.78 14.79 0.04
C TRP B 47 7.24 15.16 -0.17
N LEU B 48 7.75 14.90 -1.38
CA LEU B 48 9.15 15.17 -1.69
C LEU B 48 9.32 16.42 -2.55
N GLY B 49 8.70 16.45 -3.73
CA GLY B 49 8.82 17.61 -4.59
C GLY B 49 7.97 17.45 -5.82
N SER B 50 7.98 18.49 -6.65
CA SER B 50 7.18 18.51 -7.87
C SER B 50 7.74 19.53 -8.84
N VAL B 51 7.41 19.34 -10.11
CA VAL B 51 7.72 20.30 -11.17
C VAL B 51 6.44 20.55 -11.95
N ASP B 52 6.15 21.82 -12.24
CA ASP B 52 4.93 22.18 -12.94
C ASP B 52 5.21 22.34 -14.44
N THR B 53 4.14 22.59 -15.20
CA THR B 53 4.25 22.67 -16.65
C THR B 53 5.16 23.82 -17.10
N SER B 54 5.36 24.83 -16.26
CA SER B 54 6.21 25.96 -16.61
C SER B 54 7.67 25.73 -16.23
N GLY B 55 8.01 24.58 -15.65
CA GLY B 55 9.38 24.27 -15.29
C GLY B 55 9.77 24.62 -13.87
N ASN B 56 8.89 25.27 -13.12
CA ASN B 56 9.21 25.61 -11.74
C ASN B 56 9.17 24.37 -10.86
N THR B 57 10.14 24.27 -9.95
CA THR B 57 10.26 23.13 -9.07
C THR B 57 10.14 23.58 -7.62
N ASP B 58 9.60 22.71 -6.78
CA ASP B 58 9.48 22.96 -5.36
C ASP B 58 9.78 21.67 -4.62
N TYR B 59 10.33 21.81 -3.41
CA TYR B 59 10.82 20.67 -2.65
C TYR B 59 10.42 20.79 -1.19
N ASN B 60 10.20 19.63 -0.57
CA ASN B 60 10.03 19.53 0.87
C ASN B 60 11.16 20.31 1.52
N PRO B 61 10.88 21.41 2.24
CA PRO B 61 11.99 22.21 2.79
C PRO B 61 12.96 21.43 3.65
N GLY B 62 12.49 20.37 4.33
CA GLY B 62 13.37 19.58 5.16
C GLY B 62 14.31 18.67 4.40
N LEU B 63 14.04 18.45 3.10
CA LEU B 63 14.83 17.55 2.28
C LEU B 63 15.39 18.21 1.02
N LYS B 64 15.19 19.52 0.85
CA LYS B 64 15.48 20.16 -0.43
C LYS B 64 16.93 19.96 -0.87
N SER B 65 17.87 20.07 0.07
CA SER B 65 19.28 19.99 -0.31
C SER B 65 19.64 18.64 -0.90
N ARG B 66 18.83 17.61 -0.63
CA ARG B 66 19.10 16.27 -1.14
C ARG B 66 18.36 15.95 -2.44
N LEU B 67 17.42 16.80 -2.85
CA LEU B 67 16.50 16.46 -3.93
C LEU B 67 16.77 17.30 -5.16
N SER B 68 16.36 16.75 -6.30
CA SER B 68 16.44 17.43 -7.59
C SER B 68 15.47 16.78 -8.55
N ILE B 69 14.62 17.59 -9.18
CA ILE B 69 13.59 17.10 -10.09
C ILE B 69 13.72 17.86 -11.42
N THR B 70 13.67 17.12 -12.51
CA THR B 70 13.73 17.68 -13.86
C THR B 70 12.62 17.08 -14.70
N LYS B 71 12.37 17.68 -15.86
CA LYS B 71 11.32 17.22 -16.76
C LYS B 71 11.83 17.25 -18.20
N ASP B 72 11.14 16.50 -19.05
CA ASP B 72 11.36 16.55 -20.50
C ASP B 72 10.02 16.38 -21.18
N ASN B 73 9.56 17.42 -21.86
CA ASN B 73 8.25 17.36 -22.52
C ASN B 73 8.26 16.45 -23.72
N SER B 74 9.39 16.37 -24.44
CA SER B 74 9.46 15.50 -25.61
C SER B 74 9.42 14.03 -25.21
N LYS B 75 10.05 13.69 -24.08
CA LYS B 75 10.02 12.33 -23.56
C LYS B 75 8.87 12.09 -22.60
N SER B 76 8.17 13.14 -22.18
CA SER B 76 7.05 13.03 -21.25
C SER B 76 7.47 12.29 -19.98
N ARG B 77 8.59 12.72 -19.41
CA ARG B 77 9.11 12.16 -18.17
C ARG B 77 9.38 13.27 -17.18
N ILE B 78 9.52 12.88 -15.91
CA ILE B 78 10.21 13.67 -14.91
C ILE B 78 11.14 12.72 -14.17
N SER B 79 12.15 13.29 -13.51
CA SER B 79 13.13 12.52 -12.78
C SER B 79 13.10 12.89 -11.31
N LEU B 80 13.78 12.09 -10.50
CA LEU B 80 13.99 12.39 -9.09
C LEU B 80 15.39 11.90 -8.71
N THR B 81 16.14 12.78 -8.06
CA THR B 81 17.47 12.46 -7.56
C THR B 81 17.50 12.66 -6.06
N VAL B 82 18.02 11.68 -5.34
CA VAL B 82 18.09 11.70 -3.88
C VAL B 82 19.50 11.29 -3.49
N THR B 83 20.26 12.23 -2.92
CA THR B 83 21.64 11.97 -2.54
C THR B 83 21.71 11.45 -1.10
N GLY B 84 22.81 10.76 -0.81
CA GLY B 84 23.08 10.28 0.53
C GLY B 84 21.99 9.37 1.07
N MET B 85 21.61 8.36 0.30
CA MET B 85 20.59 7.42 0.74
C MET B 85 21.07 6.64 1.96
N THR B 86 20.18 6.50 2.94
CA THR B 86 20.42 5.68 4.12
C THR B 86 19.23 4.75 4.31
N THR B 87 19.30 3.90 5.34
CA THR B 87 18.19 3.00 5.64
C THR B 87 16.90 3.78 5.94
N GLU B 88 17.04 5.02 6.39
CA GLU B 88 15.86 5.86 6.62
C GLU B 88 15.11 6.15 5.33
N ASP B 89 15.77 6.03 4.19
CA ASP B 89 15.18 6.37 2.90
C ASP B 89 14.55 5.18 2.19
N SER B 90 14.70 3.97 2.72
CA SER B 90 13.99 2.82 2.18
C SER B 90 12.50 3.09 2.24
N ALA B 91 11.82 2.97 1.11
CA ALA B 91 10.42 3.37 1.04
C ALA B 91 9.87 3.04 -0.33
N THR B 92 8.53 3.14 -0.45
CA THR B 92 7.86 3.08 -1.73
C THR B 92 7.76 4.50 -2.27
N TYR B 93 8.27 4.72 -3.48
CA TYR B 93 8.33 6.04 -4.08
C TYR B 93 7.24 6.14 -5.14
N TYR B 94 6.26 7.00 -4.91
CA TYR B 94 5.11 7.16 -5.78
C TYR B 94 5.29 8.40 -6.66
N CYS B 95 5.08 8.23 -7.96
CA CYS B 95 4.93 9.37 -8.85
C CYS B 95 3.49 9.86 -8.78
N ILE B 96 3.32 11.19 -8.81
CA ILE B 96 2.01 11.80 -8.65
C ILE B 96 1.82 12.92 -9.67
N THR B 97 0.56 13.20 -9.98
CA THR B 97 0.16 14.45 -10.58
C THR B 97 -0.71 15.20 -9.57
N ALA B 98 -0.51 16.51 -9.49
CA ALA B 98 -1.21 17.33 -8.50
C ALA B 98 -1.84 18.54 -9.16
N HIS B 99 -3.04 18.88 -8.70
CA HIS B 99 -3.69 20.12 -9.07
C HIS B 99 -3.14 21.24 -8.19
N GLN B 100 -2.68 22.33 -8.82
CA GLN B 100 -2.09 23.44 -8.09
C GLN B 100 -2.64 24.75 -8.64
N LYS B 101 -2.87 25.71 -7.73
CA LYS B 101 -3.33 27.04 -8.11
C LYS B 101 -3.34 27.98 -6.91
N THR B 102 -2.70 29.14 -7.07
CA THR B 102 -2.76 30.21 -6.08
C THR B 102 -3.78 31.24 -6.56
N ASN B 103 -4.78 31.51 -5.73
CA ASN B 103 -5.81 32.49 -6.05
C ASN B 103 -5.50 33.80 -5.34
N LYS B 104 -5.23 34.84 -6.12
CA LYS B 104 -5.17 36.17 -5.54
C LYS B 104 -6.58 36.62 -5.15
N LYS B 105 -6.65 37.69 -4.36
CA LYS B 105 -7.94 38.27 -4.04
C LYS B 105 -8.51 38.96 -5.27
N GLU B 106 -9.58 38.39 -5.82
CA GLU B 106 -10.27 38.94 -6.98
C GLU B 106 -11.72 39.23 -6.63
N CYS B 107 -12.26 40.27 -7.26
CA CYS B 107 -13.68 40.55 -7.13
C CYS B 107 -14.48 39.65 -8.06
N PRO B 108 -15.73 39.34 -7.71
CA PRO B 108 -16.57 38.57 -8.63
C PRO B 108 -16.74 39.29 -9.95
N GLU B 109 -17.14 38.54 -10.97
CA GLU B 109 -17.38 39.15 -12.28
C GLU B 109 -18.45 40.23 -12.17
N ASP B 110 -18.27 41.30 -12.92
CA ASP B 110 -19.13 42.48 -12.89
C ASP B 110 -18.96 43.29 -11.62
N TYR B 111 -17.82 43.13 -10.94
CA TYR B 111 -17.47 43.95 -9.78
C TYR B 111 -16.02 44.37 -9.90
N THR B 112 -15.70 45.51 -9.30
CA THR B 112 -14.35 46.06 -9.34
C THR B 112 -13.94 46.50 -7.95
N TYR B 113 -12.65 46.30 -7.63
CA TYR B 113 -12.11 46.72 -6.36
C TYR B 113 -12.21 48.24 -6.22
N ASN B 114 -12.90 48.70 -5.17
CA ASN B 114 -13.10 50.13 -4.95
C ASN B 114 -13.02 50.40 -3.46
N PRO B 115 -11.81 50.69 -2.95
CA PRO B 115 -11.66 50.91 -1.49
C PRO B 115 -12.30 52.19 -0.99
N ARG B 116 -12.77 53.08 -1.87
CA ARG B 116 -13.41 54.31 -1.40
C ARG B 116 -14.70 54.01 -0.65
N CYS B 117 -15.48 53.04 -1.13
CA CYS B 117 -16.81 52.80 -0.56
C CYS B 117 -16.75 52.40 0.91
N PRO B 118 -15.99 51.38 1.33
CA PRO B 118 -15.89 51.12 2.76
C PRO B 118 -15.07 52.16 3.50
N GLN B 119 -14.08 52.77 2.85
CA GLN B 119 -13.27 53.80 3.49
C GLN B 119 -14.13 54.98 3.92
N GLN B 120 -15.05 55.41 3.06
CA GLN B 120 -15.79 56.65 3.26
C GLN B 120 -17.19 56.46 3.81
N TYR B 121 -17.81 55.29 3.60
CA TYR B 121 -19.15 55.03 4.08
C TYR B 121 -19.21 53.98 5.19
N GLY B 122 -18.13 53.24 5.41
CA GLY B 122 -18.08 52.27 6.49
C GLY B 122 -18.86 50.99 6.26
N TRP B 123 -19.32 50.75 5.04
CA TRP B 123 -20.07 49.53 4.75
C TRP B 123 -19.19 48.31 4.98
N SER B 124 -19.84 47.20 5.35
CA SER B 124 -19.17 45.94 5.59
C SER B 124 -19.23 45.05 4.36
N ASP B 125 -18.27 44.12 4.27
CA ASP B 125 -18.21 43.18 3.16
C ASP B 125 -18.36 43.91 1.83
N CYS B 126 -17.54 44.97 1.66
CA CYS B 126 -17.73 45.87 0.55
C CYS B 126 -16.41 46.26 -0.11
N ASP B 127 -15.44 45.35 -0.13
CA ASP B 127 -14.19 45.64 -0.83
C ASP B 127 -14.42 45.84 -2.33
N CYS B 128 -15.49 45.25 -2.87
CA CYS B 128 -15.79 45.29 -4.30
C CYS B 128 -17.12 45.98 -4.52
N MET B 129 -17.21 46.75 -5.60
CA MET B 129 -18.41 47.50 -5.94
C MET B 129 -18.86 47.11 -7.35
N GLY B 130 -20.16 46.86 -7.50
CA GLY B 130 -20.67 46.43 -8.79
C GLY B 130 -20.36 47.45 -9.87
N ASP B 131 -19.99 46.94 -11.05
CA ASP B 131 -19.67 47.81 -12.17
C ASP B 131 -20.88 48.57 -12.66
N ARG B 132 -22.09 48.03 -12.43
CA ARG B 132 -23.29 48.69 -12.92
C ARG B 132 -23.49 50.07 -12.29
N PHE B 133 -22.81 50.37 -11.19
CA PHE B 133 -22.87 51.69 -10.58
C PHE B 133 -21.74 52.60 -11.04
N GLY B 134 -21.04 52.22 -12.11
CA GLY B 134 -20.08 53.08 -12.79
C GLY B 134 -19.18 53.90 -11.88
N GLY B 135 -18.44 53.24 -10.99
CA GLY B 135 -17.49 53.93 -10.13
C GLY B 135 -18.08 54.59 -8.91
N TYR B 136 -19.41 54.68 -8.82
CA TYR B 136 -20.05 55.27 -7.66
C TYR B 136 -20.35 54.19 -6.62
N CYS B 137 -20.46 54.60 -5.36
CA CYS B 137 -20.61 53.70 -4.23
C CYS B 137 -22.09 53.61 -3.83
N ARG B 138 -22.69 52.45 -4.05
CA ARG B 138 -24.04 52.15 -3.61
C ARG B 138 -23.99 50.88 -2.77
N GLN B 139 -24.64 50.92 -1.60
CA GLN B 139 -24.53 49.81 -0.66
C GLN B 139 -25.11 48.52 -1.24
N ASP B 140 -26.07 48.63 -2.16
CA ASP B 140 -26.62 47.46 -2.83
C ASP B 140 -25.70 46.91 -3.92
N GLY B 141 -24.51 47.49 -4.08
CA GLY B 141 -23.50 46.96 -4.98
C GLY B 141 -22.29 46.37 -4.29
N CYS B 142 -22.30 46.26 -2.96
CA CYS B 142 -21.16 45.74 -2.24
C CYS B 142 -20.96 44.25 -2.52
N SER B 143 -19.77 43.76 -2.20
CA SER B 143 -19.43 42.36 -2.33
C SER B 143 -18.05 42.12 -1.75
N ASN B 144 -17.88 40.94 -1.15
CA ASN B 144 -16.57 40.47 -0.76
C ASN B 144 -15.80 39.97 -1.98
N TYR B 145 -14.53 39.67 -1.79
CA TYR B 145 -13.78 38.97 -2.82
C TYR B 145 -14.39 37.59 -3.04
N ILE B 146 -14.08 37.00 -4.20
CA ILE B 146 -14.49 35.64 -4.49
C ILE B 146 -14.08 34.76 -3.32
N HIS B 147 -15.05 34.10 -2.69
CA HIS B 147 -14.75 33.22 -1.56
C HIS B 147 -14.07 31.96 -2.06
N ARG B 148 -12.82 31.77 -1.66
CA ARG B 148 -12.01 30.64 -2.13
C ARG B 148 -10.71 30.63 -1.35
N SER B 149 -10.09 29.46 -1.30
CA SER B 149 -8.80 29.31 -0.63
C SER B 149 -7.72 30.03 -1.43
N THR B 150 -6.75 30.60 -0.70
CA THR B 150 -5.61 31.22 -1.35
C THR B 150 -4.73 30.20 -2.07
N TYR B 151 -4.63 29.00 -1.52
CA TYR B 151 -3.75 27.97 -2.06
C TYR B 151 -4.56 26.69 -2.27
N GLU B 152 -4.44 26.12 -3.46
CA GLU B 152 -5.12 24.87 -3.82
C GLU B 152 -4.08 23.82 -4.19
N TRP B 153 -4.16 22.66 -3.53
CA TRP B 153 -3.27 21.55 -3.83
C TRP B 153 -3.94 20.25 -3.42
N TYR B 154 -3.78 19.23 -4.26
CA TYR B 154 -4.17 17.86 -3.92
C TYR B 154 -3.63 16.94 -5.01
N VAL B 155 -3.46 15.68 -4.65
CA VAL B 155 -2.95 14.68 -5.60
C VAL B 155 -4.11 14.17 -6.43
N SER B 156 -4.02 14.34 -7.75
CA SER B 156 -5.08 13.93 -8.66
C SER B 156 -4.87 12.53 -9.21
N ALA B 157 -3.63 12.07 -9.30
CA ALA B 157 -3.35 10.72 -9.77
C ALA B 157 -2.14 10.16 -9.04
N TRP B 158 -2.19 8.88 -8.71
CA TRP B 158 -1.11 8.19 -8.01
C TRP B 158 -0.55 7.10 -8.89
N GLY B 159 0.76 7.02 -8.98
CA GLY B 159 1.41 5.87 -9.57
C GLY B 159 1.33 4.67 -8.64
N GLN B 160 1.71 3.51 -9.17
CA GLN B 160 1.64 2.28 -8.38
C GLN B 160 2.75 2.20 -7.33
N GLY B 161 3.84 2.93 -7.51
CA GLY B 161 4.90 2.98 -6.52
C GLY B 161 6.03 2.01 -6.84
N LEU B 162 7.24 2.42 -6.47
CA LEU B 162 8.44 1.60 -6.63
C LEU B 162 9.11 1.45 -5.27
N LEU B 163 9.29 0.21 -4.84
CA LEU B 163 9.94 -0.06 -3.56
C LEU B 163 11.45 0.03 -3.73
N VAL B 164 12.08 0.86 -2.90
CA VAL B 164 13.52 1.06 -2.91
C VAL B 164 14.06 0.67 -1.54
N THR B 165 15.02 -0.24 -1.53
CA THR B 165 15.65 -0.72 -0.30
C THR B 165 17.09 -0.25 -0.26
N VAL B 166 17.50 0.34 0.85
CA VAL B 166 18.89 0.72 1.09
C VAL B 166 19.52 -0.33 1.99
N SER B 167 20.59 -0.96 1.51
CA SER B 167 21.26 -2.01 2.26
C SER B 167 22.63 -2.25 1.66
N SER B 168 23.55 -2.70 2.52
CA SER B 168 24.87 -3.12 2.06
C SER B 168 24.83 -4.47 1.37
N ALA B 169 23.80 -5.27 1.62
CA ALA B 169 23.69 -6.58 1.00
C ALA B 169 23.33 -6.44 -0.48
N SER B 170 23.77 -7.42 -1.25
CA SER B 170 23.64 -7.40 -2.70
C SER B 170 22.39 -8.16 -3.14
N THR B 171 21.94 -7.85 -4.36
CA THR B 171 20.77 -8.50 -4.92
C THR B 171 20.96 -10.01 -4.95
N LYS B 172 19.84 -10.73 -4.83
CA LYS B 172 19.85 -12.19 -5.00
C LYS B 172 18.51 -12.60 -5.59
N GLY B 173 18.56 -13.37 -6.67
CA GLY B 173 17.36 -13.92 -7.27
C GLY B 173 16.80 -15.04 -6.44
N PRO B 174 15.54 -15.40 -6.66
CA PRO B 174 14.89 -16.42 -5.83
C PRO B 174 15.12 -17.83 -6.32
N SER B 175 15.04 -18.76 -5.38
CA SER B 175 14.90 -20.18 -5.68
C SER B 175 13.44 -20.56 -5.46
N VAL B 176 12.84 -21.20 -6.46
CA VAL B 176 11.42 -21.53 -6.44
C VAL B 176 11.28 -23.03 -6.30
N PHE B 177 10.49 -23.47 -5.32
CA PHE B 177 10.26 -24.87 -5.05
C PHE B 177 8.77 -25.17 -5.07
N PRO B 178 8.38 -26.38 -5.49
CA PRO B 178 6.95 -26.69 -5.59
C PRO B 178 6.33 -27.07 -4.25
N LEU B 179 5.09 -26.65 -4.05
CA LEU B 179 4.27 -27.09 -2.92
C LEU B 179 3.18 -27.97 -3.52
N ALA B 180 3.48 -29.25 -3.64
CA ALA B 180 2.63 -30.19 -4.38
C ALA B 180 1.61 -30.81 -3.44
N PRO B 181 0.33 -30.89 -3.83
CA PRO B 181 -0.66 -31.53 -2.95
C PRO B 181 -0.47 -33.04 -2.94
N SER B 182 -0.63 -33.62 -1.77
CA SER B 182 -0.57 -35.07 -1.61
C SER B 182 -1.98 -35.65 -1.62
N SER B 183 -2.04 -36.99 -1.66
CA SER B 183 -3.34 -37.66 -1.69
C SER B 183 -4.13 -37.39 -0.40
N LYS B 184 -3.45 -37.09 0.70
CA LYS B 184 -4.12 -36.81 1.96
C LYS B 184 -4.38 -35.32 2.19
N SER B 185 -3.74 -34.43 1.42
CA SER B 185 -3.85 -33.00 1.65
C SER B 185 -4.95 -32.33 0.83
N THR B 186 -5.69 -33.08 0.02
CA THR B 186 -6.72 -32.50 -0.82
C THR B 186 -7.91 -32.03 0.03
N SER B 187 -8.86 -31.38 -0.64
CA SER B 187 -10.08 -30.90 -0.01
C SER B 187 -11.28 -31.30 -0.86
N GLY B 188 -11.41 -32.60 -1.11
CA GLY B 188 -12.49 -33.11 -1.92
C GLY B 188 -12.34 -32.76 -3.38
N GLY B 189 -13.27 -32.00 -3.92
CA GLY B 189 -13.23 -31.61 -5.32
C GLY B 189 -12.15 -30.61 -5.66
N THR B 190 -11.56 -29.96 -4.66
CA THR B 190 -10.50 -28.98 -4.88
C THR B 190 -9.29 -29.34 -4.03
N ALA B 191 -8.18 -28.68 -4.31
CA ALA B 191 -6.94 -28.92 -3.59
C ALA B 191 -6.06 -27.69 -3.66
N ALA B 192 -5.24 -27.50 -2.64
CA ALA B 192 -4.31 -26.38 -2.58
C ALA B 192 -2.95 -26.82 -3.11
N LEU B 193 -2.43 -26.07 -4.07
CA LEU B 193 -1.05 -26.22 -4.50
C LEU B 193 -0.42 -24.85 -4.63
N GLY B 194 0.88 -24.77 -4.39
CA GLY B 194 1.55 -23.49 -4.39
C GLY B 194 3.02 -23.58 -4.74
N CYS B 195 3.75 -22.48 -4.57
CA CYS B 195 5.18 -22.43 -4.79
CA CYS B 195 5.19 -22.49 -4.76
C CYS B 195 5.86 -21.69 -3.63
N LEU B 196 7.01 -22.19 -3.21
CA LEU B 196 7.81 -21.57 -2.16
C LEU B 196 8.91 -20.77 -2.84
N VAL B 197 8.87 -19.45 -2.66
CA VAL B 197 9.87 -18.55 -3.23
C VAL B 197 10.86 -18.22 -2.12
N LYS B 198 12.10 -18.67 -2.27
CA LYS B 198 13.05 -18.73 -1.17
C LYS B 198 14.29 -17.89 -1.46
N ASP B 199 14.80 -17.24 -0.41
CA ASP B 199 16.14 -16.65 -0.39
C ASP B 199 16.34 -15.66 -1.54
N TYR B 200 15.54 -14.59 -1.52
CA TYR B 200 15.71 -13.50 -2.46
C TYR B 200 15.91 -12.19 -1.71
N PHE B 201 16.47 -11.21 -2.42
CA PHE B 201 16.68 -9.89 -1.83
C PHE B 201 16.94 -8.90 -2.95
N PRO B 202 16.38 -7.69 -2.91
CA PRO B 202 15.40 -7.19 -1.94
C PRO B 202 13.97 -7.55 -2.34
N GLU B 203 13.00 -6.99 -1.63
CA GLU B 203 11.62 -7.04 -2.07
C GLU B 203 11.44 -6.15 -3.29
N PRO B 204 10.35 -6.33 -4.06
CA PRO B 204 9.27 -7.30 -3.90
C PRO B 204 9.37 -8.49 -4.85
N VAL B 205 8.55 -9.51 -4.57
CA VAL B 205 8.28 -10.60 -5.51
C VAL B 205 6.79 -10.64 -5.76
N THR B 206 6.41 -10.79 -7.02
CA THR B 206 5.03 -11.03 -7.41
C THR B 206 4.92 -12.41 -8.00
N VAL B 207 3.74 -13.02 -7.84
CA VAL B 207 3.51 -14.39 -8.29
C VAL B 207 2.13 -14.45 -8.93
N SER B 208 2.06 -14.91 -10.17
CA SER B 208 0.82 -15.26 -10.83
C SER B 208 0.81 -16.76 -11.09
N TRP B 209 -0.34 -17.24 -11.60
CA TRP B 209 -0.52 -18.65 -11.87
C TRP B 209 -1.04 -18.83 -13.29
N ASN B 210 -0.34 -19.65 -14.07
CA ASN B 210 -0.68 -19.89 -15.47
C ASN B 210 -0.77 -18.55 -16.23
N SER B 211 0.24 -17.71 -16.02
CA SER B 211 0.35 -16.43 -16.73
C SER B 211 -0.87 -15.55 -16.49
N GLY B 212 -1.49 -15.67 -15.33
CA GLY B 212 -2.66 -14.88 -14.99
C GLY B 212 -3.98 -15.53 -15.33
N ALA B 213 -3.97 -16.62 -16.11
CA ALA B 213 -5.20 -17.30 -16.50
C ALA B 213 -5.86 -18.02 -15.32
N LEU B 214 -5.16 -18.18 -14.21
CA LEU B 214 -5.68 -18.89 -13.04
C LEU B 214 -5.66 -17.91 -11.87
N THR B 215 -6.85 -17.51 -11.42
CA THR B 215 -6.99 -16.48 -10.40
C THR B 215 -7.86 -16.89 -9.21
N SER B 216 -8.54 -18.03 -9.27
CA SER B 216 -9.46 -18.43 -8.22
C SER B 216 -8.70 -18.91 -7.01
N GLY B 217 -8.96 -18.30 -5.86
CA GLY B 217 -8.29 -18.68 -4.63
C GLY B 217 -6.82 -18.36 -4.60
N VAL B 218 -6.33 -17.51 -5.51
CA VAL B 218 -4.93 -17.13 -5.52
C VAL B 218 -4.65 -16.18 -4.36
N HIS B 219 -3.56 -16.45 -3.63
CA HIS B 219 -3.11 -15.54 -2.59
C HIS B 219 -1.61 -15.67 -2.43
N THR B 220 -0.91 -14.54 -2.51
CA THR B 220 0.52 -14.48 -2.24
C THR B 220 0.71 -13.93 -0.83
N PHE B 221 1.40 -14.69 0.01
CA PHE B 221 1.54 -14.34 1.41
C PHE B 221 2.66 -13.32 1.60
N PRO B 222 2.60 -12.55 2.68
CA PRO B 222 3.73 -11.66 3.00
C PRO B 222 5.02 -12.44 3.17
N ALA B 223 6.13 -11.77 2.92
CA ALA B 223 7.43 -12.41 3.00
C ALA B 223 7.94 -12.43 4.44
N VAL B 224 8.74 -13.44 4.74
CA VAL B 224 9.43 -13.56 6.03
C VAL B 224 10.90 -13.19 5.80
N LEU B 225 11.47 -12.43 6.72
CA LEU B 225 12.87 -12.08 6.68
C LEU B 225 13.64 -13.07 7.56
N GLN B 226 14.36 -13.98 6.93
CA GLN B 226 15.16 -14.94 7.66
C GLN B 226 16.39 -14.26 8.26
N SER B 227 17.03 -14.95 9.22
CA SER B 227 18.23 -14.44 9.85
C SER B 227 19.37 -14.27 8.85
N SER B 228 19.28 -14.91 7.69
CA SER B 228 20.27 -14.73 6.64
C SER B 228 20.15 -13.37 5.97
N GLY B 229 19.10 -12.60 6.25
CA GLY B 229 18.87 -11.34 5.57
C GLY B 229 18.13 -11.48 4.27
N LEU B 230 17.76 -12.69 3.86
CA LEU B 230 17.03 -12.93 2.63
C LEU B 230 15.57 -13.18 2.92
N TYR B 231 14.72 -12.81 1.97
CA TYR B 231 13.28 -12.97 2.11
C TYR B 231 12.82 -14.31 1.55
N SER B 232 11.68 -14.77 2.06
CA SER B 232 10.98 -15.93 1.54
C SER B 232 9.49 -15.68 1.65
N LEU B 233 8.74 -16.16 0.66
CA LEU B 233 7.29 -16.13 0.71
C LEU B 233 6.74 -17.38 0.04
N SER B 234 5.42 -17.53 0.11
CA SER B 234 4.71 -18.61 -0.54
C SER B 234 3.50 -18.04 -1.27
N SER B 235 3.15 -18.68 -2.38
CA SER B 235 1.93 -18.38 -3.11
C SER B 235 1.14 -19.67 -3.28
N VAL B 236 -0.17 -19.59 -3.08
CA VAL B 236 -1.04 -20.75 -3.15
C VAL B 236 -2.21 -20.44 -4.08
N VAL B 237 -2.69 -21.47 -4.75
CA VAL B 237 -3.87 -21.39 -5.59
C VAL B 237 -4.68 -22.66 -5.38
N THR B 238 -6.00 -22.54 -5.48
CA THR B 238 -6.88 -23.68 -5.34
C THR B 238 -7.21 -24.23 -6.73
N VAL B 239 -7.25 -25.56 -6.83
CA VAL B 239 -7.27 -26.23 -8.14
C VAL B 239 -8.22 -27.41 -8.07
N PRO B 240 -8.81 -27.77 -9.21
CA PRO B 240 -9.62 -29.00 -9.25
C PRO B 240 -8.78 -30.22 -8.94
N SER B 241 -9.26 -31.05 -8.01
CA SER B 241 -8.52 -32.25 -7.64
C SER B 241 -8.46 -33.26 -8.79
N SER B 242 -9.48 -33.29 -9.65
CA SER B 242 -9.47 -34.20 -10.79
C SER B 242 -8.44 -33.80 -11.84
N SER B 243 -7.94 -32.57 -11.79
CA SER B 243 -7.00 -32.07 -12.79
C SER B 243 -5.54 -32.30 -12.40
N LEU B 244 -5.27 -32.72 -11.17
CA LEU B 244 -3.91 -32.97 -10.73
C LEU B 244 -3.27 -34.07 -11.57
N GLY B 245 -2.30 -33.71 -12.40
CA GLY B 245 -1.65 -34.63 -13.31
C GLY B 245 -2.07 -34.48 -14.75
N THR B 246 -3.27 -33.95 -15.00
CA THR B 246 -3.78 -33.73 -16.35
C THR B 246 -3.54 -32.31 -16.84
N GLN B 247 -3.85 -31.32 -16.01
CA GLN B 247 -3.61 -29.92 -16.34
C GLN B 247 -2.28 -29.48 -15.74
N THR B 248 -1.54 -28.68 -16.50
CA THR B 248 -0.25 -28.17 -16.05
C THR B 248 -0.48 -26.91 -15.22
N TYR B 249 0.19 -26.83 -14.08
CA TYR B 249 0.08 -25.68 -13.19
C TYR B 249 1.46 -25.08 -12.97
N ILE B 250 1.61 -23.82 -13.36
CA ILE B 250 2.88 -23.11 -13.34
C ILE B 250 2.70 -21.82 -12.55
N CYS B 251 3.60 -21.58 -11.59
CA CYS B 251 3.63 -20.34 -10.83
CA CYS B 251 3.61 -20.34 -10.84
C CYS B 251 4.70 -19.44 -11.44
N ASN B 252 4.31 -18.25 -11.89
CA ASN B 252 5.21 -17.30 -12.54
C ASN B 252 5.73 -16.34 -11.48
N VAL B 253 6.96 -16.53 -11.05
CA VAL B 253 7.58 -15.72 -10.02
C VAL B 253 8.40 -14.63 -10.69
N ASN B 254 8.03 -13.38 -10.43
CA ASN B 254 8.73 -12.23 -11.00
C ASN B 254 9.48 -11.52 -9.88
N HIS B 255 10.79 -11.36 -10.06
CA HIS B 255 11.63 -10.61 -9.12
C HIS B 255 12.30 -9.49 -9.89
N LYS B 256 11.57 -8.39 -10.07
CA LYS B 256 12.11 -7.25 -10.81
C LYS B 256 13.46 -6.78 -10.28
N PRO B 257 13.71 -6.76 -8.97
CA PRO B 257 15.03 -6.29 -8.49
C PRO B 257 16.22 -7.02 -9.11
N SER B 258 16.07 -8.28 -9.52
CA SER B 258 17.15 -9.02 -10.16
C SER B 258 16.85 -9.32 -11.63
N ASN B 259 15.83 -8.70 -12.21
CA ASN B 259 15.44 -8.95 -13.59
C ASN B 259 15.28 -10.45 -13.84
N THR B 260 14.69 -11.15 -12.87
CA THR B 260 14.53 -12.59 -12.92
C THR B 260 13.06 -12.95 -12.98
N LYS B 261 12.72 -13.88 -13.87
CA LYS B 261 11.39 -14.48 -13.92
C LYS B 261 11.56 -15.98 -13.96
N VAL B 262 10.87 -16.69 -13.07
CA VAL B 262 10.93 -18.14 -12.98
C VAL B 262 9.53 -18.69 -13.16
N ASP B 263 9.38 -19.64 -14.08
CA ASP B 263 8.12 -20.35 -14.32
C ASP B 263 8.33 -21.78 -13.83
N LYS B 264 7.82 -22.08 -12.65
CA LYS B 264 8.03 -23.37 -12.00
C LYS B 264 6.76 -24.21 -12.13
N ARG B 265 6.90 -25.38 -12.78
CA ARG B 265 5.81 -26.32 -12.89
C ARG B 265 5.64 -27.07 -11.58
N VAL B 266 4.39 -27.18 -11.11
CA VAL B 266 4.07 -27.89 -9.89
C VAL B 266 3.39 -29.19 -10.29
N GLU B 267 4.12 -30.30 -10.17
CA GLU B 267 3.62 -31.60 -10.55
C GLU B 267 3.12 -32.37 -9.34
N PRO B 268 2.23 -33.35 -9.54
CA PRO B 268 1.71 -34.10 -8.39
C PRO B 268 2.83 -34.82 -7.65
N LYS B 269 2.67 -34.87 -6.33
CA LYS B 269 3.64 -35.56 -5.48
C LYS B 269 3.78 -37.01 -5.92
N SER B 270 5.03 -37.47 -6.05
CA SER B 270 5.32 -38.75 -6.69
C SER B 270 6.25 -39.58 -5.82
N CYS B 271 6.10 -40.91 -5.94
CA CYS B 271 6.97 -41.87 -5.30
C CYS B 271 7.88 -42.51 -6.35
N ASP B 272 8.86 -41.74 -6.80
CA ASP B 272 9.77 -42.21 -7.84
C ASP B 272 10.58 -43.40 -7.35
#